data_3S3H
#
_entry.id   3S3H
#
_cell.length_a   102.700
_cell.length_b   102.700
_cell.length_c   173.220
_cell.angle_alpha   90.00
_cell.angle_beta   90.00
_cell.angle_gamma   120.00
#
_symmetry.space_group_name_H-M   'P 31 2 1'
#
loop_
_entity.id
_entity.type
_entity.pdbx_description
1 polymer 'Tyrosine-protein phosphatase 10D'
2 polymer 'phosphopeptide GP4'
3 non-polymer 1-BUTANOL
4 non-polymer 1,4-BUTANEDIOL
5 water water
#
loop_
_entity_poly.entity_id
_entity_poly.type
_entity_poly.pdbx_seq_one_letter_code
_entity_poly.pdbx_strand_id
1 'polypeptide(L)'
;MGSSHHHHHHSSGLVPRGSHMASRPILIKNFAEHYRLMSADSDFRFSEEFEELKHVGRDQPCTFADLPCNRPKNRFTNIL
PYDHSRFKLQPVDDDEGSDYINANYVPGHNSPREFIVTQGPLHSTRDDFWRMCWESNSRAIVMLTRCFEKGREKCDQYWP
NDTVPVFYGDIKVQILNDSHYADWVMTEFMLCRGSEQRILRHFHFTTWPDFGVPNPPQTLVRFVRAFRDRIGAEQRPIVV
HCSAGVGRSGTFITLDRILQQINTSDYVDIFGIVYAMRKERVWMVQTEQQYICIHQCLLAVLEGKEN
;
A,B
2 'polypeptide(L)' KNSFV(PTR)QKLSE C
#
loop_
_chem_comp.id
_chem_comp.type
_chem_comp.name
_chem_comp.formula
1BO non-polymer 1-BUTANOL 'C4 H10 O'
BU1 non-polymer 1,4-BUTANEDIOL 'C4 H10 O2'
#
# COMPACT_ATOMS: atom_id res chain seq x y z
N SER A 19 18.83 -20.97 -36.74
CA SER A 19 18.01 -20.38 -35.68
C SER A 19 18.77 -19.18 -35.22
N HIS A 20 18.31 -17.99 -35.63
CA HIS A 20 19.17 -16.81 -35.76
C HIS A 20 18.41 -15.53 -35.42
N MET A 21 17.08 -15.54 -35.53
CA MET A 21 16.33 -14.31 -35.22
C MET A 21 16.11 -14.13 -33.73
N ALA A 22 15.73 -15.21 -33.04
CA ALA A 22 15.43 -15.13 -31.63
C ALA A 22 16.31 -16.03 -30.79
N SER A 23 17.54 -16.27 -31.26
CA SER A 23 18.48 -17.18 -30.60
C SER A 23 19.90 -16.93 -31.09
N ARG A 24 20.83 -16.78 -30.14
CA ARG A 24 22.26 -16.65 -30.46
C ARG A 24 23.03 -17.59 -29.53
N PRO A 25 22.91 -18.91 -29.75
CA PRO A 25 23.58 -19.87 -28.87
C PRO A 25 25.09 -19.86 -29.08
N ILE A 26 25.85 -20.00 -27.99
CA ILE A 26 27.30 -20.00 -28.06
C ILE A 26 27.88 -21.25 -27.39
N LEU A 27 28.81 -21.93 -28.07
CA LEU A 27 29.51 -23.04 -27.42
C LEU A 27 30.17 -22.53 -26.15
N ILE A 28 29.81 -23.15 -25.05
CA ILE A 28 30.42 -22.87 -23.75
C ILE A 28 31.95 -22.90 -23.84
N LYS A 29 32.49 -23.85 -24.61
CA LYS A 29 33.93 -23.94 -24.82
C LYS A 29 34.48 -22.70 -25.53
N ASN A 30 33.59 -21.90 -26.11
CA ASN A 30 33.99 -20.69 -26.84
C ASN A 30 33.56 -19.40 -26.16
N PHE A 31 33.00 -19.50 -24.97
CA PHE A 31 32.34 -18.33 -24.40
C PHE A 31 33.28 -17.14 -24.17
N ALA A 32 34.51 -17.42 -23.75
CA ALA A 32 35.49 -16.40 -23.39
C ALA A 32 35.90 -15.54 -24.58
N GLU A 33 36.06 -16.18 -25.73
CA GLU A 33 36.33 -15.48 -26.99
C GLU A 33 35.09 -14.73 -27.44
N HIS A 34 33.92 -15.32 -27.19
CA HIS A 34 32.70 -14.71 -27.60
C HIS A 34 32.62 -13.42 -26.86
N TYR A 35 32.86 -13.50 -25.55
CA TYR A 35 32.86 -12.34 -24.69
C TYR A 35 33.81 -11.28 -25.20
N ARG A 36 35.02 -11.71 -25.55
CA ARG A 36 36.08 -10.82 -26.00
C ARG A 36 35.65 -10.03 -27.23
N LEU A 37 35.17 -10.80 -28.20
CA LEU A 37 34.70 -10.33 -29.48
C LEU A 37 33.51 -9.39 -29.29
N MET A 38 32.56 -9.83 -28.47
CA MET A 38 31.35 -9.09 -28.17
C MET A 38 31.62 -7.75 -27.49
N SER A 39 32.66 -7.68 -26.66
CA SER A 39 32.92 -6.48 -25.90
C SER A 39 33.95 -5.54 -26.55
N ALA A 40 34.68 -6.05 -27.53
CA ALA A 40 35.69 -5.27 -28.25
C ALA A 40 35.07 -4.01 -28.82
N ASP A 41 35.89 -2.98 -29.01
CA ASP A 41 35.44 -1.71 -29.56
C ASP A 41 34.32 -1.09 -28.75
N SER A 42 34.55 -0.94 -27.45
CA SER A 42 33.61 -0.35 -26.51
C SER A 42 32.24 -0.98 -26.65
N ASP A 43 32.23 -2.32 -26.58
CA ASP A 43 31.01 -3.12 -26.59
C ASP A 43 30.18 -2.96 -27.83
N PHE A 44 30.82 -2.67 -28.97
CA PHE A 44 30.12 -2.48 -30.24
C PHE A 44 29.10 -3.58 -30.53
N ARG A 45 29.57 -4.82 -30.60
CA ARG A 45 28.73 -5.98 -30.92
C ARG A 45 27.70 -6.29 -29.84
N PHE A 46 28.06 -6.14 -28.57
CA PHE A 46 27.12 -6.30 -27.45
C PHE A 46 25.99 -5.31 -27.58
N SER A 47 26.35 -4.07 -27.89
CA SER A 47 25.39 -2.98 -27.99
C SER A 47 24.45 -3.23 -29.13
N GLU A 48 25.02 -3.61 -30.26
CA GLU A 48 24.27 -3.90 -31.45
C GLU A 48 23.32 -5.08 -31.17
N GLU A 49 23.83 -6.13 -30.54
CA GLU A 49 23.04 -7.32 -30.24
C GLU A 49 21.84 -6.93 -29.41
N PHE A 50 22.07 -6.21 -28.31
CA PHE A 50 21.02 -5.82 -27.37
C PHE A 50 19.96 -4.93 -28.00
N GLU A 51 20.36 -4.17 -29.04
CA GLU A 51 19.48 -3.22 -29.69
C GLU A 51 18.38 -3.93 -30.48
N GLU A 52 18.66 -5.16 -30.92
CA GLU A 52 17.70 -5.99 -31.64
C GLU A 52 16.52 -6.42 -30.77
N LEU A 53 16.66 -6.26 -29.46
CA LEU A 53 15.60 -6.68 -28.54
C LEU A 53 14.64 -5.57 -28.18
N LYS A 54 14.88 -4.36 -28.68
CA LYS A 54 14.19 -3.22 -28.13
C LYS A 54 12.68 -3.18 -28.41
N HIS A 55 12.25 -3.82 -29.48
CA HIS A 55 10.83 -3.84 -29.76
C HIS A 55 10.08 -5.11 -29.36
N VAL A 56 10.82 -6.15 -28.99
CA VAL A 56 10.22 -7.46 -28.77
C VAL A 56 9.16 -7.40 -27.69
N GLY A 57 7.97 -7.86 -28.03
CA GLY A 57 6.87 -7.97 -27.09
C GLY A 57 5.99 -6.75 -27.07
N ARG A 58 6.56 -5.61 -27.42
CA ARG A 58 5.94 -4.30 -27.20
C ARG A 58 4.67 -4.01 -27.98
N ASP A 59 4.32 -4.85 -28.92
CA ASP A 59 3.13 -4.59 -29.70
C ASP A 59 1.97 -5.39 -29.15
N GLN A 60 2.07 -5.78 -27.87
CA GLN A 60 1.04 -6.61 -27.25
C GLN A 60 0.17 -5.77 -26.30
N PRO A 61 -1.12 -6.11 -26.16
CA PRO A 61 -1.98 -5.27 -25.30
C PRO A 61 -1.72 -5.34 -23.77
N CYS A 62 -1.96 -4.21 -23.10
CA CYS A 62 -1.94 -4.07 -21.63
C CYS A 62 -3.23 -3.48 -21.10
N THR A 63 -4.34 -4.05 -21.56
CA THR A 63 -5.68 -3.53 -21.35
C THR A 63 -6.06 -3.30 -19.88
N PHE A 64 -5.82 -4.28 -19.03
CA PHE A 64 -6.26 -4.19 -17.65
C PHE A 64 -5.39 -3.26 -16.81
N ALA A 65 -4.12 -3.19 -17.16
CA ALA A 65 -3.19 -2.31 -16.49
C ALA A 65 -3.61 -0.86 -16.68
N ASP A 66 -4.43 -0.62 -17.69
CA ASP A 66 -4.86 0.72 -18.03
C ASP A 66 -6.26 1.06 -17.59
N LEU A 67 -6.94 0.09 -16.95
CA LEU A 67 -8.30 0.33 -16.47
C LEU A 67 -8.21 1.32 -15.33
N PRO A 68 -9.07 2.34 -15.33
CA PRO A 68 -9.03 3.36 -14.28
C PRO A 68 -8.99 2.81 -12.85
N CYS A 69 -9.47 1.60 -12.65
CA CYS A 69 -9.48 1.05 -11.30
C CYS A 69 -8.17 0.36 -10.95
N ASN A 70 -7.34 0.13 -11.96
CA ASN A 70 -6.03 -0.50 -11.74
C ASN A 70 -4.83 0.47 -11.75
N ARG A 71 -5.00 1.65 -12.35
CA ARG A 71 -3.90 2.62 -12.45
C ARG A 71 -3.24 2.98 -11.11
N PRO A 72 -4.00 2.99 -9.99
CA PRO A 72 -3.26 3.19 -8.75
C PRO A 72 -2.45 1.95 -8.30
N LYS A 73 -2.60 0.84 -9.00
CA LYS A 73 -1.88 -0.39 -8.64
C LYS A 73 -0.55 -0.53 -9.36
N ASN A 74 -0.25 0.42 -10.24
CA ASN A 74 1.03 0.44 -10.94
C ASN A 74 2.05 1.42 -10.35
N ARG A 75 3.22 0.95 -10.00
CA ARG A 75 4.25 1.84 -9.50
C ARG A 75 4.68 2.91 -10.53
N PHE A 76 4.71 2.52 -11.81
CA PHE A 76 5.27 3.33 -12.90
C PHE A 76 4.30 3.29 -14.07
N THR A 77 3.94 4.43 -14.67
CA THR A 77 2.95 4.38 -15.76
C THR A 77 3.44 3.58 -16.95
N ASN A 78 4.74 3.65 -17.21
CA ASN A 78 5.29 3.00 -18.39
C ASN A 78 5.79 1.55 -18.18
N ILE A 79 5.47 0.96 -17.04
CA ILE A 79 5.80 -0.46 -16.81
C ILE A 79 4.52 -1.20 -16.48
N LEU A 80 3.97 -1.90 -17.48
CA LEU A 80 2.66 -2.50 -17.34
C LEU A 80 2.65 -3.94 -17.81
N PRO A 81 1.86 -4.82 -17.16
CA PRO A 81 1.83 -6.22 -17.56
C PRO A 81 1.05 -6.45 -18.85
N TYR A 82 1.64 -7.26 -19.72
CA TYR A 82 0.95 -7.73 -20.92
C TYR A 82 -0.28 -8.56 -20.51
N ASP A 83 -1.39 -8.36 -21.21
CA ASP A 83 -2.63 -9.06 -20.89
C ASP A 83 -2.45 -10.56 -20.94
N HIS A 84 -1.68 -11.03 -21.90
CA HIS A 84 -1.65 -12.46 -22.19
C HIS A 84 -0.89 -13.27 -21.17
N SER A 85 -0.04 -12.61 -20.39
CA SER A 85 0.80 -13.33 -19.47
C SER A 85 0.65 -12.86 -18.05
N ARG A 86 -0.23 -11.89 -17.81
CA ARG A 86 -0.40 -11.29 -16.49
C ARG A 86 -0.86 -12.34 -15.46
N PHE A 87 -0.49 -12.16 -14.20
CA PHE A 87 -0.99 -13.04 -13.17
C PHE A 87 -2.35 -12.53 -12.73
N LYS A 88 -3.33 -13.42 -12.57
CA LYS A 88 -4.66 -12.98 -12.17
C LYS A 88 -5.04 -13.46 -10.80
N LEU A 89 -5.40 -12.53 -9.93
CA LEU A 89 -5.94 -12.85 -8.61
C LEU A 89 -7.39 -13.31 -8.74
N GLN A 90 -7.83 -14.19 -7.84
CA GLN A 90 -9.24 -14.57 -7.85
C GLN A 90 -10.10 -13.30 -7.75
N PRO A 91 -11.14 -13.20 -8.57
CA PRO A 91 -11.99 -12.01 -8.45
C PRO A 91 -12.70 -11.96 -7.10
N VAL A 92 -12.79 -10.75 -6.54
CA VAL A 92 -13.56 -10.48 -5.35
C VAL A 92 -14.88 -9.83 -5.76
N ASP A 93 -15.99 -10.40 -5.30
CA ASP A 93 -17.30 -10.21 -5.92
C ASP A 93 -17.85 -8.78 -6.13
N ASP A 94 -17.25 -7.76 -5.50
CA ASP A 94 -17.73 -6.38 -5.73
C ASP A 94 -16.77 -5.45 -6.49
N ASP A 95 -15.50 -5.84 -6.59
CA ASP A 95 -14.39 -4.97 -6.99
C ASP A 95 -14.22 -4.46 -8.41
N GLU A 96 -14.18 -5.36 -9.34
CA GLU A 96 -13.90 -4.94 -10.68
C GLU A 96 -12.53 -5.47 -11.00
N GLY A 97 -11.54 -4.63 -10.87
CA GLY A 97 -10.19 -5.03 -11.13
C GLY A 97 -9.51 -5.69 -9.96
N SER A 98 -10.25 -6.44 -9.20
CA SER A 98 -9.68 -7.06 -8.06
C SER A 98 -8.94 -8.28 -8.45
N ASP A 99 -8.91 -8.56 -9.72
CA ASP A 99 -8.08 -9.66 -10.23
C ASP A 99 -6.67 -9.19 -10.57
N TYR A 100 -6.48 -7.87 -10.54
CA TYR A 100 -5.30 -7.24 -11.12
C TYR A 100 -4.10 -7.11 -10.19
N ILE A 101 -2.92 -7.34 -10.74
CA ILE A 101 -1.66 -7.04 -10.08
C ILE A 101 -0.60 -6.76 -11.14
N ASN A 102 0.40 -5.96 -10.89
CA ASN A 102 1.46 -5.85 -11.88
C ASN A 102 2.36 -7.05 -11.86
N ALA A 103 1.92 -8.16 -12.38
CA ALA A 103 2.68 -9.36 -12.31
C ALA A 103 2.60 -10.06 -13.63
N ASN A 104 3.61 -10.82 -13.97
CA ASN A 104 3.57 -11.60 -15.18
C ASN A 104 4.26 -12.92 -14.99
N TYR A 105 3.78 -13.96 -15.64
CA TYR A 105 4.46 -15.22 -15.64
C TYR A 105 5.61 -15.03 -16.60
N VAL A 106 6.81 -15.40 -16.18
CA VAL A 106 8.00 -15.31 -17.01
C VAL A 106 8.70 -16.67 -17.00
N PRO A 107 9.14 -17.13 -18.18
CA PRO A 107 9.69 -18.49 -18.29
C PRO A 107 11.03 -18.61 -17.59
N GLY A 108 11.36 -19.83 -17.16
CA GLY A 108 12.67 -20.14 -16.61
C GLY A 108 13.22 -21.40 -17.26
N HIS A 109 14.20 -21.98 -16.59
CA HIS A 109 14.89 -23.14 -17.12
C HIS A 109 13.99 -24.34 -17.10
N ASN A 110 12.96 -24.27 -16.28
CA ASN A 110 12.28 -25.48 -15.82
C ASN A 110 10.83 -25.53 -16.21
N SER A 111 10.24 -24.34 -16.36
CA SER A 111 8.86 -24.23 -16.71
C SER A 111 8.64 -22.94 -17.47
N PRO A 112 7.76 -22.98 -18.49
CA PRO A 112 7.40 -21.76 -19.16
C PRO A 112 6.74 -20.77 -18.19
N ARG A 113 6.33 -21.27 -17.00
CA ARG A 113 5.66 -20.47 -15.95
C ARG A 113 6.37 -20.53 -14.59
N GLU A 114 7.69 -20.72 -14.63
CA GLU A 114 8.52 -20.92 -13.46
C GLU A 114 8.56 -19.69 -12.54
N PHE A 115 8.48 -18.52 -13.14
CA PHE A 115 8.58 -17.30 -12.37
C PHE A 115 7.31 -16.47 -12.46
N ILE A 116 6.93 -15.81 -11.36
CA ILE A 116 5.96 -14.72 -11.44
C ILE A 116 6.76 -13.48 -11.07
N VAL A 117 7.09 -12.67 -12.07
CA VAL A 117 7.82 -11.44 -11.76
C VAL A 117 6.93 -10.22 -11.68
N THR A 118 7.19 -9.37 -10.69
CA THR A 118 6.27 -8.32 -10.33
C THR A 118 7.01 -7.05 -9.88
N GLN A 119 6.30 -5.93 -9.79
CA GLN A 119 6.86 -4.72 -9.21
C GLN A 119 7.07 -4.90 -7.71
N GLY A 120 7.96 -4.12 -7.14
CA GLY A 120 8.00 -3.96 -5.69
C GLY A 120 6.70 -3.35 -5.20
N PRO A 121 5.95 -4.08 -4.37
CA PRO A 121 4.64 -3.65 -3.90
C PRO A 121 4.61 -2.25 -3.30
N LEU A 122 3.55 -1.51 -3.56
CA LEU A 122 3.26 -0.29 -2.84
C LEU A 122 2.50 -0.75 -1.61
N HIS A 123 2.48 0.07 -0.55
CA HIS A 123 1.64 -0.24 0.61
C HIS A 123 0.25 -0.61 0.06
N SER A 124 -0.27 0.22 -0.84
CA SER A 124 -1.53 0.00 -1.60
C SER A 124 -1.74 -1.40 -2.15
N THR A 125 -0.65 -2.13 -2.40
CA THR A 125 -0.75 -3.39 -3.14
C THR A 125 -0.15 -4.61 -2.44
N ARG A 126 0.36 -4.45 -1.22
CA ARG A 126 1.03 -5.55 -0.53
C ARG A 126 0.06 -6.68 -0.09
N ASP A 127 -1.17 -6.33 0.26
CA ASP A 127 -2.23 -7.34 0.39
C ASP A 127 -2.38 -8.13 -0.91
N ASP A 128 -2.46 -7.42 -2.03
CA ASP A 128 -2.53 -8.08 -3.34
C ASP A 128 -1.33 -8.98 -3.52
N PHE A 129 -0.16 -8.47 -3.15
CA PHE A 129 1.08 -9.21 -3.34
C PHE A 129 1.09 -10.54 -2.58
N TRP A 130 0.66 -10.53 -1.32
CA TRP A 130 0.63 -11.76 -0.54
C TRP A 130 -0.46 -12.72 -0.99
N ARG A 131 -1.55 -12.17 -1.51
CA ARG A 131 -2.60 -13.01 -2.04
C ARG A 131 -2.08 -13.73 -3.27
N MET A 132 -1.38 -13.01 -4.14
CA MET A 132 -0.70 -13.64 -5.27
C MET A 132 0.25 -14.79 -4.85
N CYS A 133 1.08 -14.56 -3.85
CA CYS A 133 1.96 -15.58 -3.35
C CYS A 133 1.13 -16.79 -3.00
N TRP A 134 0.06 -16.55 -2.22
CA TRP A 134 -0.79 -17.62 -1.69
C TRP A 134 -1.51 -18.35 -2.79
N GLU A 135 -2.13 -17.59 -3.67
CA GLU A 135 -2.95 -18.16 -4.72
C GLU A 135 -2.10 -18.84 -5.75
N SER A 136 -0.88 -18.34 -5.96
CA SER A 136 0.06 -18.95 -6.89
C SER A 136 0.69 -20.22 -6.31
N ASN A 137 0.60 -20.37 -4.99
CA ASN A 137 1.21 -21.48 -4.27
C ASN A 137 2.74 -21.34 -4.24
N SER A 138 3.21 -20.12 -4.50
CA SER A 138 4.65 -19.86 -4.47
C SER A 138 5.25 -20.09 -3.11
N ARG A 139 6.46 -20.65 -3.09
CA ARG A 139 7.16 -20.89 -1.83
C ARG A 139 8.44 -20.08 -1.70
N ALA A 140 8.64 -19.11 -2.59
CA ALA A 140 9.90 -18.43 -2.61
C ALA A 140 9.80 -17.09 -3.29
N ILE A 141 10.18 -16.05 -2.57
CA ILE A 141 10.25 -14.72 -3.13
C ILE A 141 11.71 -14.34 -3.30
N VAL A 142 12.02 -13.62 -4.38
CA VAL A 142 13.36 -13.11 -4.60
C VAL A 142 13.27 -11.61 -4.72
N MET A 143 13.79 -10.91 -3.73
CA MET A 143 13.82 -9.46 -3.76
C MET A 143 15.22 -8.93 -4.07
N LEU A 144 15.32 -8.16 -5.17
CA LEU A 144 16.61 -7.65 -5.68
C LEU A 144 16.79 -6.13 -5.52
N THR A 145 16.08 -5.54 -4.57
CA THR A 145 16.18 -4.12 -4.33
C THR A 145 16.24 -3.77 -2.83
N ARG A 146 16.64 -2.54 -2.55
CA ARG A 146 16.36 -2.00 -1.23
C ARG A 146 15.05 -1.22 -1.26
N CYS A 147 14.43 -1.07 -0.10
CA CYS A 147 13.21 -0.33 0.04
C CYS A 147 13.51 1.13 -0.25
N PHE A 148 14.66 1.60 0.21
CA PHE A 148 15.06 2.94 -0.10
C PHE A 148 16.41 2.90 -0.74
N GLU A 149 16.55 3.62 -1.85
CA GLU A 149 17.84 3.77 -2.50
C GLU A 149 17.99 5.23 -2.87
N LYS A 150 19.14 5.82 -2.54
CA LYS A 150 19.40 7.25 -2.76
C LYS A 150 18.27 8.17 -2.29
N GLY A 151 17.57 7.77 -1.24
CA GLY A 151 16.49 8.60 -0.69
C GLY A 151 15.12 8.42 -1.33
N ARG A 152 15.07 7.69 -2.45
CA ARG A 152 13.81 7.39 -3.11
C ARG A 152 13.30 6.08 -2.57
N GLU A 153 11.99 5.98 -2.36
CA GLU A 153 11.41 4.71 -1.94
C GLU A 153 11.10 3.87 -3.17
N LYS A 154 11.60 2.66 -3.16
CA LYS A 154 11.56 1.81 -4.33
C LYS A 154 10.66 0.62 -4.07
N CYS A 155 10.40 0.32 -2.81
CA CYS A 155 9.53 -0.77 -2.48
C CYS A 155 9.07 -0.65 -1.05
N ASP A 156 7.77 -0.77 -0.82
CA ASP A 156 7.28 -0.91 0.52
C ASP A 156 7.87 -2.13 1.23
N GLN A 157 8.07 -1.98 2.54
CA GLN A 157 8.44 -3.07 3.40
C GLN A 157 7.20 -3.93 3.64
N TYR A 158 7.02 -4.95 2.80
CA TYR A 158 5.80 -5.77 2.83
C TYR A 158 5.86 -6.95 3.82
N TRP A 159 6.91 -7.01 4.63
CA TRP A 159 7.07 -8.14 5.55
C TRP A 159 7.40 -7.70 6.98
N PRO A 160 7.14 -8.55 7.97
CA PRO A 160 7.40 -8.17 9.36
C PRO A 160 8.87 -7.84 9.67
N ASN A 161 9.05 -6.90 10.59
CA ASN A 161 10.34 -6.50 11.11
C ASN A 161 10.79 -7.40 12.24
N ASP A 162 9.86 -8.19 12.76
CA ASP A 162 10.17 -9.05 13.88
C ASP A 162 9.24 -10.25 13.94
N THR A 163 9.25 -10.93 15.07
CA THR A 163 8.61 -12.22 15.20
C THR A 163 7.10 -12.16 15.45
N VAL A 164 6.59 -10.94 15.63
CA VAL A 164 5.17 -10.71 15.83
C VAL A 164 4.46 -10.84 14.49
N PRO A 165 3.62 -11.89 14.34
CA PRO A 165 2.89 -12.07 13.09
C PRO A 165 2.12 -10.83 12.70
N VAL A 166 1.99 -10.62 11.39
CA VAL A 166 1.31 -9.48 10.85
C VAL A 166 0.37 -10.00 9.78
N PHE A 167 -0.91 -9.59 9.83
CA PHE A 167 -1.87 -9.94 8.82
C PHE A 167 -1.79 -9.00 7.65
N TYR A 168 -1.78 -9.54 6.44
CA TYR A 168 -1.90 -8.76 5.22
C TYR A 168 -3.07 -9.36 4.49
N GLY A 169 -4.19 -8.65 4.46
CA GLY A 169 -5.43 -9.23 3.99
C GLY A 169 -5.82 -10.39 4.89
N ASP A 170 -6.08 -11.53 4.27
CA ASP A 170 -6.39 -12.78 4.97
C ASP A 170 -5.15 -13.64 5.21
N ILE A 171 -3.98 -13.13 4.83
CA ILE A 171 -2.74 -13.89 4.95
C ILE A 171 -1.96 -13.41 6.17
N LYS A 172 -1.79 -14.32 7.13
CA LYS A 172 -0.99 -14.08 8.32
C LYS A 172 0.44 -14.44 7.98
N VAL A 173 1.37 -13.49 8.14
CA VAL A 173 2.78 -13.74 7.87
C VAL A 173 3.55 -13.64 9.17
N GLN A 174 4.43 -14.61 9.41
CA GLN A 174 5.26 -14.63 10.60
C GLN A 174 6.65 -15.13 10.27
N ILE A 175 7.67 -14.45 10.79
CA ILE A 175 9.05 -14.89 10.63
C ILE A 175 9.32 -16.08 11.54
N LEU A 176 9.80 -17.17 10.96
CA LEU A 176 10.30 -18.29 11.73
C LEU A 176 11.75 -18.05 12.13
N ASN A 177 12.62 -17.86 11.15
CA ASN A 177 13.97 -17.37 11.39
C ASN A 177 14.52 -16.60 10.21
N ASP A 178 15.62 -15.89 10.44
CA ASP A 178 16.33 -15.23 9.37
C ASP A 178 17.82 -15.50 9.40
N SER A 179 18.46 -15.38 8.25
CA SER A 179 19.88 -15.58 8.13
C SER A 179 20.51 -14.46 7.34
N HIS A 180 21.38 -13.71 7.98
CA HIS A 180 22.08 -12.60 7.37
C HIS A 180 23.40 -13.04 6.74
N TYR A 181 23.73 -12.42 5.62
CA TYR A 181 24.95 -12.74 4.91
C TYR A 181 25.51 -11.43 4.39
N ALA A 182 26.70 -11.47 3.80
CA ALA A 182 27.33 -10.26 3.31
C ALA A 182 26.47 -9.49 2.31
N ASP A 183 25.83 -10.19 1.38
CA ASP A 183 25.07 -9.54 0.32
C ASP A 183 23.57 -9.89 0.27
N TRP A 184 23.13 -10.79 1.14
CA TRP A 184 21.71 -11.17 1.18
C TRP A 184 21.22 -11.59 2.55
N VAL A 185 19.92 -11.45 2.76
CA VAL A 185 19.29 -11.94 3.97
C VAL A 185 18.18 -12.87 3.54
N MET A 186 18.14 -14.07 4.13
CA MET A 186 17.04 -14.95 3.78
C MET A 186 16.13 -15.23 4.97
N THR A 187 14.84 -15.03 4.75
CA THR A 187 13.85 -15.08 5.82
C THR A 187 12.85 -16.20 5.54
N GLU A 188 12.67 -17.09 6.53
CA GLU A 188 11.66 -18.13 6.42
C GLU A 188 10.41 -17.64 7.06
N PHE A 189 9.39 -17.43 6.24
CA PHE A 189 8.06 -17.07 6.74
C PHE A 189 7.23 -18.30 6.93
N MET A 190 6.30 -18.20 7.88
CA MET A 190 5.18 -19.13 7.93
C MET A 190 3.96 -18.35 7.44
N LEU A 191 3.31 -18.91 6.43
CA LEU A 191 2.12 -18.32 5.82
C LEU A 191 0.87 -19.13 6.22
N CYS A 192 -0.06 -18.48 6.92
CA CYS A 192 -1.36 -19.10 7.28
C CYS A 192 -2.54 -18.41 6.61
N ARG A 193 -3.44 -19.19 6.03
CA ARG A 193 -4.67 -18.66 5.46
C ARG A 193 -5.83 -19.55 5.88
N GLY A 194 -6.54 -19.11 6.90
CA GLY A 194 -7.47 -19.99 7.58
C GLY A 194 -6.62 -20.89 8.43
N SER A 195 -6.95 -22.18 8.46
CA SER A 195 -6.16 -23.17 9.21
C SER A 195 -5.20 -23.87 8.27
N GLU A 196 -4.71 -23.14 7.28
CA GLU A 196 -3.93 -23.72 6.20
C GLU A 196 -2.55 -23.11 6.23
N GLN A 197 -1.52 -23.94 6.30
CA GLN A 197 -0.17 -23.48 6.60
C GLN A 197 0.90 -23.84 5.60
N ARG A 198 1.70 -22.85 5.27
CA ARG A 198 2.86 -23.02 4.42
C ARG A 198 4.07 -22.33 4.96
N ILE A 199 5.23 -22.79 4.57
CA ILE A 199 6.48 -22.10 4.77
C ILE A 199 6.93 -21.52 3.44
N LEU A 200 7.40 -20.29 3.46
CA LEU A 200 7.92 -19.59 2.30
C LEU A 200 9.25 -19.02 2.66
N ARG A 201 10.20 -19.02 1.76
CA ARG A 201 11.51 -18.43 1.97
C ARG A 201 11.66 -17.20 1.11
N HIS A 202 12.26 -16.17 1.70
CA HIS A 202 12.40 -14.85 1.10
C HIS A 202 13.89 -14.55 0.93
N PHE A 203 14.34 -14.45 -0.32
CA PHE A 203 15.76 -14.26 -0.65
C PHE A 203 16.00 -12.81 -1.08
N HIS A 204 16.58 -12.03 -0.16
CA HIS A 204 16.69 -10.60 -0.31
C HIS A 204 18.15 -10.19 -0.55
N PHE A 205 18.46 -9.94 -1.83
CA PHE A 205 19.74 -9.38 -2.24
C PHE A 205 19.78 -7.88 -1.89
N THR A 206 20.64 -7.51 -0.96
CA THR A 206 20.59 -6.19 -0.31
C THR A 206 21.73 -5.27 -0.70
N THR A 207 22.42 -5.59 -1.79
CA THR A 207 23.72 -5.02 -2.01
C THR A 207 23.92 -4.42 -3.42
N TRP A 208 22.92 -4.58 -4.26
CA TRP A 208 22.93 -3.95 -5.56
C TRP A 208 23.24 -2.48 -5.37
N PRO A 209 24.26 -1.96 -6.07
CA PRO A 209 24.71 -0.57 -5.94
C PRO A 209 23.69 0.45 -6.43
N ASP A 210 23.74 1.66 -5.89
CA ASP A 210 22.82 2.75 -6.21
C ASP A 210 22.74 3.11 -7.67
N PHE A 211 23.82 2.94 -8.39
CA PHE A 211 23.79 2.97 -9.85
C PHE A 211 24.62 1.82 -10.41
N GLY A 212 24.49 1.58 -11.72
CA GLY A 212 25.23 0.50 -12.39
C GLY A 212 24.83 -0.89 -11.92
N VAL A 213 25.67 -1.87 -12.20
CA VAL A 213 25.43 -3.26 -11.81
C VAL A 213 26.40 -3.67 -10.71
N PRO A 214 26.17 -4.83 -10.04
CA PRO A 214 27.05 -5.22 -8.93
C PRO A 214 28.41 -5.42 -9.51
N ASN A 215 29.43 -5.06 -8.75
CA ASN A 215 30.78 -5.03 -9.28
C ASN A 215 31.72 -5.22 -8.11
N PRO A 216 32.39 -6.36 -8.03
CA PRO A 216 32.43 -7.38 -9.03
C PRO A 216 31.12 -8.13 -9.09
N PRO A 217 30.80 -8.67 -10.28
CA PRO A 217 29.55 -9.40 -10.54
C PRO A 217 29.40 -10.64 -9.65
N GLN A 218 30.51 -11.17 -9.15
CA GLN A 218 30.51 -12.41 -8.39
C GLN A 218 29.54 -12.45 -7.21
N THR A 219 29.20 -11.29 -6.64
CA THR A 219 28.31 -11.31 -5.48
C THR A 219 26.93 -11.79 -5.91
N LEU A 220 26.60 -11.54 -7.17
CA LEU A 220 25.30 -11.94 -7.66
C LEU A 220 25.29 -13.44 -8.01
N VAL A 221 26.42 -13.95 -8.52
CA VAL A 221 26.51 -15.39 -8.82
C VAL A 221 26.35 -16.18 -7.52
N ARG A 222 27.04 -15.72 -6.49
CA ARG A 222 26.99 -16.34 -5.17
C ARG A 222 25.56 -16.38 -4.62
N PHE A 223 24.76 -15.35 -4.90
CA PHE A 223 23.37 -15.29 -4.47
C PHE A 223 22.48 -16.23 -5.27
N VAL A 224 22.70 -16.26 -6.59
CA VAL A 224 21.98 -17.15 -7.49
C VAL A 224 22.31 -18.58 -7.14
N ARG A 225 23.56 -18.84 -6.77
CA ARG A 225 23.97 -20.18 -6.38
C ARG A 225 23.26 -20.56 -5.08
N ALA A 226 23.28 -19.66 -4.09
CA ALA A 226 22.69 -19.96 -2.80
C ALA A 226 21.20 -20.20 -3.00
N PHE A 227 20.53 -19.27 -3.66
CA PHE A 227 19.09 -19.39 -3.89
C PHE A 227 18.73 -20.75 -4.52
N ARG A 228 19.36 -21.08 -5.65
CA ARG A 228 18.99 -22.25 -6.42
C ARG A 228 19.35 -23.50 -5.63
N ASP A 229 20.48 -23.45 -4.93
CA ASP A 229 20.89 -24.58 -4.08
C ASP A 229 19.87 -24.79 -2.98
N ARG A 230 19.25 -23.70 -2.51
CA ARG A 230 18.28 -23.80 -1.43
C ARG A 230 16.93 -24.29 -1.91
N ILE A 231 16.44 -23.67 -2.97
CA ILE A 231 15.07 -23.88 -3.40
C ILE A 231 14.89 -25.22 -4.10
N GLY A 232 15.94 -25.73 -4.76
CA GLY A 232 15.84 -26.97 -5.51
C GLY A 232 15.11 -26.79 -6.81
N ALA A 233 14.61 -27.88 -7.37
CA ALA A 233 13.86 -27.83 -8.60
C ALA A 233 12.39 -27.53 -8.31
N GLU A 234 12.08 -26.31 -7.89
CA GLU A 234 10.70 -25.94 -7.56
C GLU A 234 9.73 -26.12 -8.71
N GLN A 235 8.61 -26.77 -8.42
CA GLN A 235 7.54 -26.91 -9.39
C GLN A 235 6.47 -25.83 -9.25
N ARG A 236 6.54 -25.02 -8.20
CA ARG A 236 5.58 -23.91 -8.02
C ARG A 236 6.21 -22.59 -8.35
N PRO A 237 5.40 -21.65 -8.85
CA PRO A 237 6.00 -20.42 -9.34
C PRO A 237 6.84 -19.75 -8.26
N ILE A 238 7.98 -19.19 -8.67
CA ILE A 238 8.82 -18.38 -7.79
C ILE A 238 8.51 -16.93 -8.05
N VAL A 239 8.21 -16.17 -7.01
CA VAL A 239 7.95 -14.72 -7.16
C VAL A 239 9.26 -13.93 -7.23
N VAL A 240 9.43 -13.11 -8.25
CA VAL A 240 10.66 -12.30 -8.33
C VAL A 240 10.29 -10.83 -8.40
N HIS A 241 11.03 -9.99 -7.70
CA HIS A 241 10.80 -8.56 -7.87
C HIS A 241 11.98 -7.70 -7.53
N CYS A 242 12.02 -6.51 -8.14
CA CYS A 242 12.89 -5.42 -7.71
C CYS A 242 12.05 -4.18 -7.42
N SER A 243 12.11 -3.18 -8.28
CA SER A 243 11.25 -2.03 -8.11
C SER A 243 10.19 -2.06 -9.20
N ALA A 244 10.60 -1.97 -10.46
CA ALA A 244 9.65 -2.12 -11.57
C ALA A 244 9.44 -3.57 -11.94
N GLY A 245 10.36 -4.44 -11.55
CA GLY A 245 10.30 -5.86 -11.88
C GLY A 245 10.61 -6.11 -13.34
N VAL A 246 11.73 -5.57 -13.82
CA VAL A 246 12.12 -5.67 -15.23
C VAL A 246 13.64 -5.85 -15.39
N GLY A 247 14.44 -4.83 -15.11
CA GLY A 247 15.91 -4.92 -15.20
C GLY A 247 16.64 -5.84 -14.23
N ARG A 248 16.66 -5.52 -12.95
CA ARG A 248 17.28 -6.40 -11.94
C ARG A 248 16.66 -7.82 -11.88
N SER A 249 15.33 -7.90 -11.94
CA SER A 249 14.64 -9.16 -12.00
C SER A 249 14.99 -9.92 -13.26
N GLY A 250 15.07 -9.22 -14.39
CA GLY A 250 15.48 -9.85 -15.61
C GLY A 250 16.88 -10.43 -15.49
N THR A 251 17.77 -9.66 -14.88
CA THR A 251 19.16 -10.07 -14.77
C THR A 251 19.25 -11.35 -13.97
N PHE A 252 18.55 -11.38 -12.84
CA PHE A 252 18.60 -12.51 -11.91
C PHE A 252 18.15 -13.81 -12.57
N ILE A 253 16.96 -13.79 -13.15
CA ILE A 253 16.39 -14.96 -13.81
C ILE A 253 17.30 -15.54 -14.88
N THR A 254 17.73 -14.69 -15.81
CA THR A 254 18.62 -15.08 -16.88
C THR A 254 19.81 -15.81 -16.27
N LEU A 255 20.42 -15.17 -15.27
CA LEU A 255 21.57 -15.72 -14.61
C LEU A 255 21.30 -17.09 -13.99
N ASP A 256 20.19 -17.23 -13.27
CA ASP A 256 19.83 -18.50 -12.62
C ASP A 256 19.56 -19.58 -13.66
N ARG A 257 19.02 -19.15 -14.81
CA ARG A 257 18.68 -20.06 -15.92
C ARG A 257 19.92 -20.64 -16.60
N ILE A 258 20.88 -19.79 -16.94
CA ILE A 258 22.07 -20.23 -17.67
C ILE A 258 23.04 -21.03 -16.78
N LEU A 259 22.92 -20.89 -15.47
CA LEU A 259 23.78 -21.60 -14.54
C LEU A 259 23.29 -23.02 -14.38
N GLN A 260 22.01 -23.22 -14.63
CA GLN A 260 21.42 -24.54 -14.69
C GLN A 260 21.70 -25.13 -16.06
N GLN A 261 21.65 -24.28 -17.10
CA GLN A 261 21.76 -24.70 -18.49
C GLN A 261 23.13 -25.36 -18.72
N ILE A 262 24.20 -24.66 -18.36
CA ILE A 262 25.57 -25.19 -18.54
C ILE A 262 25.77 -26.59 -17.92
N ASN A 263 25.00 -26.91 -16.88
CA ASN A 263 25.05 -28.24 -16.27
C ASN A 263 24.70 -29.40 -17.19
N THR A 264 23.77 -29.17 -18.11
CA THR A 264 23.31 -30.27 -18.94
C THR A 264 23.49 -30.00 -20.43
N SER A 265 24.02 -28.82 -20.79
CA SER A 265 24.23 -28.53 -22.20
C SER A 265 25.66 -28.18 -22.61
N ASP A 266 25.82 -28.01 -23.94
CA ASP A 266 27.06 -27.57 -24.56
C ASP A 266 26.97 -26.12 -25.01
N TYR A 267 25.78 -25.54 -24.94
CA TYR A 267 25.56 -24.19 -25.41
C TYR A 267 24.91 -23.36 -24.33
N VAL A 268 25.10 -22.04 -24.39
CA VAL A 268 24.26 -21.07 -23.65
C VAL A 268 23.57 -20.16 -24.65
N ASP A 269 22.45 -19.58 -24.27
CA ASP A 269 21.70 -18.71 -25.20
C ASP A 269 21.09 -17.52 -24.46
N ILE A 270 21.94 -16.68 -23.91
CA ILE A 270 21.50 -15.48 -23.20
C ILE A 270 20.53 -14.67 -24.04
N PHE A 271 20.89 -14.40 -25.31
CA PHE A 271 20.00 -13.71 -26.25
C PHE A 271 18.63 -14.35 -26.38
N GLY A 272 18.60 -15.66 -26.63
CA GLY A 272 17.36 -16.41 -26.82
C GLY A 272 16.47 -16.35 -25.59
N ILE A 273 17.10 -16.31 -24.42
CA ILE A 273 16.40 -16.23 -23.14
C ILE A 273 15.77 -14.86 -22.92
N VAL A 274 16.55 -13.80 -23.13
CA VAL A 274 16.06 -12.42 -22.97
C VAL A 274 14.89 -12.17 -23.93
N TYR A 275 15.01 -12.70 -25.15
CA TYR A 275 13.98 -12.56 -26.15
C TYR A 275 12.71 -13.21 -25.62
N ALA A 276 12.80 -14.44 -25.14
CA ALA A 276 11.61 -15.12 -24.59
C ALA A 276 10.97 -14.31 -23.47
N MET A 277 11.80 -13.71 -22.61
CA MET A 277 11.33 -12.94 -21.47
C MET A 277 10.62 -11.67 -21.91
N ARG A 278 11.20 -10.93 -22.86
CA ARG A 278 10.54 -9.72 -23.39
C ARG A 278 9.11 -10.01 -23.85
N LYS A 279 8.93 -11.17 -24.45
CA LYS A 279 7.62 -11.53 -24.96
C LYS A 279 6.62 -11.66 -23.82
N GLU A 280 7.11 -11.78 -22.59
CA GLU A 280 6.25 -12.04 -21.44
C GLU A 280 6.04 -10.88 -20.50
N ARG A 281 6.98 -9.96 -20.45
CA ARG A 281 6.83 -8.74 -19.66
C ARG A 281 7.80 -7.72 -20.21
N VAL A 282 7.35 -6.49 -20.25
CA VAL A 282 8.16 -5.39 -20.77
C VAL A 282 9.56 -5.31 -20.12
N TRP A 283 10.52 -4.81 -20.88
CA TRP A 283 11.88 -4.51 -20.38
C TRP A 283 12.63 -5.60 -19.60
N MET A 284 12.26 -6.86 -19.75
CA MET A 284 12.87 -7.92 -18.94
C MET A 284 14.38 -7.77 -18.74
N VAL A 285 15.27 -7.94 -19.70
CA VAL A 285 16.59 -7.40 -19.28
C VAL A 285 16.69 -5.93 -19.70
N GLN A 286 16.73 -5.02 -18.74
CA GLN A 286 16.46 -3.61 -19.09
C GLN A 286 17.53 -2.86 -19.86
N THR A 287 18.78 -2.99 -19.45
CA THR A 287 19.82 -2.11 -19.99
C THR A 287 20.93 -2.93 -20.61
N GLU A 288 21.64 -2.31 -21.54
CA GLU A 288 22.83 -2.93 -22.14
C GLU A 288 23.86 -3.29 -21.08
N GLN A 289 23.94 -2.49 -20.03
CA GLN A 289 24.92 -2.77 -18.97
C GLN A 289 24.60 -4.06 -18.25
N GLN A 290 23.32 -4.31 -18.01
CA GLN A 290 22.92 -5.54 -17.33
C GLN A 290 23.05 -6.77 -18.24
N TYR A 291 22.70 -6.61 -19.51
CA TYR A 291 22.87 -7.66 -20.51
C TYR A 291 24.33 -8.05 -20.56
N ILE A 292 25.21 -7.05 -20.55
CA ILE A 292 26.63 -7.37 -20.50
C ILE A 292 26.95 -8.07 -19.18
N CYS A 293 26.36 -7.58 -18.09
CA CYS A 293 26.62 -8.17 -16.79
C CYS A 293 26.31 -9.69 -16.78
N ILE A 294 25.15 -10.06 -17.30
CA ILE A 294 24.82 -11.48 -17.38
C ILE A 294 25.96 -12.28 -18.02
N HIS A 295 26.53 -11.75 -19.11
CA HIS A 295 27.65 -12.40 -19.79
C HIS A 295 28.86 -12.52 -18.88
N GLN A 296 29.21 -11.42 -18.22
CA GLN A 296 30.36 -11.39 -17.29
C GLN A 296 30.26 -12.37 -16.12
N CYS A 297 29.08 -12.50 -15.54
CA CYS A 297 28.85 -13.43 -14.45
C CYS A 297 29.15 -14.84 -14.90
N LEU A 298 28.58 -15.24 -16.04
CA LEU A 298 28.82 -16.58 -16.58
C LEU A 298 30.29 -16.80 -16.96
N LEU A 299 30.96 -15.74 -17.41
CA LEU A 299 32.37 -15.85 -17.77
C LEU A 299 33.20 -16.14 -16.53
N ALA A 300 32.80 -15.56 -15.41
CA ALA A 300 33.49 -15.77 -14.15
C ALA A 300 33.34 -17.23 -13.80
N VAL A 301 32.10 -17.71 -13.86
CA VAL A 301 31.80 -19.11 -13.59
C VAL A 301 32.68 -20.02 -14.46
N LEU A 302 32.65 -19.81 -15.77
CA LEU A 302 33.35 -20.69 -16.71
C LEU A 302 34.86 -20.61 -16.56
N GLU A 303 35.35 -19.61 -15.83
CA GLU A 303 36.77 -19.43 -15.60
C GLU A 303 37.17 -19.72 -14.16
N GLY A 304 36.32 -20.40 -13.41
CA GLY A 304 36.59 -20.65 -12.01
C GLY A 304 36.77 -19.34 -11.28
N LYS A 305 35.78 -18.46 -11.42
CA LYS A 305 35.81 -17.11 -10.85
C LYS A 305 37.17 -16.43 -11.11
N MET B 21 -34.17 9.12 0.39
CA MET B 21 -33.87 9.78 -0.92
C MET B 21 -32.45 10.43 -0.94
N ALA B 22 -32.33 11.69 -0.49
CA ALA B 22 -31.06 12.23 -0.04
C ALA B 22 -31.21 12.65 1.41
N SER B 23 -32.45 12.69 1.88
CA SER B 23 -32.74 13.10 3.24
C SER B 23 -33.82 12.22 3.85
N ARG B 24 -33.62 11.87 5.12
CA ARG B 24 -34.63 11.14 5.87
C ARG B 24 -34.58 11.59 7.32
N PRO B 25 -35.21 12.75 7.60
CA PRO B 25 -35.22 13.25 8.95
C PRO B 25 -36.18 12.47 9.84
N ILE B 26 -35.74 12.15 11.05
CA ILE B 26 -36.68 11.64 12.03
C ILE B 26 -36.68 12.53 13.27
N LEU B 27 -37.89 12.81 13.75
CA LEU B 27 -38.13 13.72 14.85
C LEU B 27 -37.62 13.03 16.09
N ILE B 28 -36.90 13.75 16.94
CA ILE B 28 -36.22 13.11 18.05
C ILE B 28 -37.22 12.59 19.05
N LYS B 29 -38.47 12.94 18.89
CA LYS B 29 -39.46 12.44 19.80
C LYS B 29 -39.91 11.08 19.35
N ASN B 30 -39.68 10.78 18.08
CA ASN B 30 -39.93 9.47 17.51
C ASN B 30 -38.71 8.63 17.27
N PHE B 31 -37.56 9.02 17.78
CA PHE B 31 -36.36 8.24 17.46
C PHE B 31 -36.42 6.83 18.03
N ALA B 32 -37.03 6.70 19.19
CA ALA B 32 -37.16 5.42 19.86
C ALA B 32 -37.96 4.41 19.09
N GLU B 33 -39.06 4.82 18.49
CA GLU B 33 -39.81 3.92 17.66
C GLU B 33 -39.33 3.90 16.23
N HIS B 34 -38.49 4.84 15.84
CA HIS B 34 -37.84 4.73 14.54
C HIS B 34 -36.81 3.63 14.56
N TYR B 35 -36.08 3.53 15.66
CA TYR B 35 -35.02 2.56 15.81
C TYR B 35 -35.58 1.19 15.91
N ARG B 36 -36.68 1.07 16.61
CA ARG B 36 -37.23 -0.22 16.90
C ARG B 36 -37.76 -0.84 15.62
N LEU B 37 -38.21 0.02 14.73
CA LEU B 37 -38.64 -0.32 13.39
C LEU B 37 -37.44 -0.69 12.53
N MET B 38 -36.39 0.12 12.61
CA MET B 38 -35.20 -0.06 11.79
C MET B 38 -34.38 -1.29 12.19
N SER B 39 -34.53 -1.69 13.43
CA SER B 39 -33.80 -2.80 13.94
C SER B 39 -34.60 -4.05 13.78
N ALA B 40 -35.90 -3.89 13.63
CA ALA B 40 -36.77 -5.02 13.54
C ALA B 40 -36.42 -5.94 12.42
N ASP B 41 -36.46 -7.24 12.69
CA ASP B 41 -36.29 -8.25 11.68
C ASP B 41 -34.85 -8.43 11.33
N SER B 42 -34.00 -8.43 12.32
CA SER B 42 -32.58 -8.45 12.10
C SER B 42 -32.16 -7.35 11.17
N ASP B 43 -32.52 -6.12 11.52
CA ASP B 43 -32.08 -4.92 10.84
C ASP B 43 -32.36 -4.89 9.34
N PHE B 44 -33.53 -5.40 8.94
CA PHE B 44 -33.90 -5.37 7.53
C PHE B 44 -33.93 -3.94 6.98
N ARG B 45 -34.82 -3.11 7.53
CA ARG B 45 -34.91 -1.71 7.10
C ARG B 45 -33.58 -0.97 7.17
N PHE B 46 -32.86 -1.07 8.30
CA PHE B 46 -31.49 -0.54 8.43
C PHE B 46 -30.58 -0.99 7.30
N SER B 47 -30.67 -2.27 6.95
CA SER B 47 -29.83 -2.80 5.90
C SER B 47 -30.17 -2.19 4.55
N GLU B 48 -31.46 -2.08 4.27
CA GLU B 48 -31.90 -1.49 3.02
C GLU B 48 -31.49 -0.02 2.94
N GLU B 49 -31.67 0.70 4.04
CA GLU B 49 -31.42 2.13 4.03
C GLU B 49 -29.95 2.44 3.79
N PHE B 50 -29.07 1.69 4.46
CA PHE B 50 -27.65 1.85 4.23
C PHE B 50 -27.24 1.51 2.79
N GLU B 51 -27.93 0.55 2.16
CA GLU B 51 -27.69 0.16 0.76
C GLU B 51 -27.83 1.34 -0.22
N GLU B 52 -28.82 2.19 0.03
CA GLU B 52 -29.21 3.31 -0.83
C GLU B 52 -28.14 4.38 -0.90
N LEU B 53 -27.14 4.26 -0.06
CA LEU B 53 -26.11 5.22 0.06
C LEU B 53 -24.85 4.80 -0.64
N LYS B 54 -24.81 3.58 -1.12
CA LYS B 54 -23.62 3.00 -1.71
C LYS B 54 -23.06 3.69 -2.91
N HIS B 55 -23.84 4.48 -3.61
CA HIS B 55 -23.42 5.04 -4.87
C HIS B 55 -23.11 6.50 -4.77
N VAL B 56 -23.57 7.11 -3.71
CA VAL B 56 -23.42 8.56 -3.50
C VAL B 56 -21.97 9.04 -3.56
N GLY B 57 -21.73 9.98 -4.49
CA GLY B 57 -20.46 10.70 -4.56
C GLY B 57 -19.40 10.09 -5.46
N ARG B 58 -19.64 8.89 -5.96
CA ARG B 58 -18.54 8.11 -6.52
C ARG B 58 -18.22 8.42 -7.97
N ASP B 59 -19.03 9.27 -8.60
CA ASP B 59 -18.70 9.70 -9.95
C ASP B 59 -17.62 10.77 -9.93
N GLN B 60 -17.38 11.38 -8.78
CA GLN B 60 -16.52 12.55 -8.71
C GLN B 60 -15.05 12.18 -8.89
N PRO B 61 -14.31 12.97 -9.69
CA PRO B 61 -12.93 12.67 -10.03
C PRO B 61 -11.98 12.75 -8.84
N CYS B 62 -10.94 11.91 -8.90
CA CYS B 62 -9.88 11.83 -7.89
C CYS B 62 -8.55 11.97 -8.61
N THR B 63 -8.49 12.97 -9.48
CA THR B 63 -7.36 13.12 -10.38
C THR B 63 -6.01 13.02 -9.69
N PHE B 64 -5.76 13.89 -8.73
CA PHE B 64 -4.43 14.04 -8.19
C PHE B 64 -3.91 12.81 -7.48
N ALA B 65 -4.83 12.01 -6.95
CA ALA B 65 -4.46 10.82 -6.21
C ALA B 65 -4.05 9.66 -7.13
N ASP B 66 -4.39 9.73 -8.42
CA ASP B 66 -3.90 8.72 -9.35
C ASP B 66 -2.56 9.06 -9.97
N LEU B 67 -2.05 10.26 -9.68
CA LEU B 67 -0.76 10.63 -10.20
C LEU B 67 0.30 9.66 -9.68
N PRO B 68 1.12 9.11 -10.58
CA PRO B 68 2.12 8.11 -10.16
C PRO B 68 2.85 8.42 -8.85
N CYS B 69 3.24 9.66 -8.64
CA CYS B 69 4.11 9.98 -7.53
C CYS B 69 3.35 10.07 -6.22
N ASN B 70 2.02 10.13 -6.31
CA ASN B 70 1.15 10.07 -5.13
C ASN B 70 0.73 8.66 -4.76
N ARG B 71 0.91 7.73 -5.69
CA ARG B 71 0.47 6.37 -5.49
C ARG B 71 1.12 5.70 -4.28
N PRO B 72 2.36 6.10 -3.93
CA PRO B 72 2.94 5.58 -2.70
C PRO B 72 2.37 6.20 -1.43
N LYS B 73 1.59 7.25 -1.54
CA LYS B 73 1.17 7.98 -0.35
C LYS B 73 -0.20 7.53 0.16
N ASN B 74 -0.86 6.63 -0.57
CA ASN B 74 -2.20 6.16 -0.23
C ASN B 74 -2.16 4.82 0.44
N ARG B 75 -2.93 4.69 1.51
CA ARG B 75 -2.95 3.46 2.33
C ARG B 75 -3.73 2.40 1.62
N PHE B 76 -4.79 2.83 0.94
CA PHE B 76 -5.69 1.94 0.22
C PHE B 76 -5.87 2.46 -1.18
N THR B 77 -6.02 1.52 -2.11
CA THR B 77 -6.03 1.82 -3.53
C THR B 77 -7.35 2.45 -3.99
N ASN B 78 -8.35 2.30 -3.15
CA ASN B 78 -9.72 2.60 -3.52
C ASN B 78 -10.34 3.50 -2.48
N ILE B 79 -9.49 4.07 -1.64
CA ILE B 79 -9.85 5.21 -0.82
C ILE B 79 -9.00 6.36 -1.32
N LEU B 80 -9.59 7.16 -2.20
CA LEU B 80 -8.87 8.25 -2.83
C LEU B 80 -9.63 9.56 -2.58
N PRO B 81 -8.91 10.64 -2.25
CA PRO B 81 -9.64 11.91 -2.06
C PRO B 81 -10.21 12.43 -3.37
N TYR B 82 -11.48 12.79 -3.33
CA TYR B 82 -12.11 13.55 -4.40
C TYR B 82 -11.36 14.84 -4.61
N ASP B 83 -11.21 15.23 -5.88
CA ASP B 83 -10.47 16.43 -6.22
C ASP B 83 -11.07 17.70 -5.59
N HIS B 84 -12.40 17.83 -5.62
CA HIS B 84 -13.05 19.10 -5.30
C HIS B 84 -12.97 19.42 -3.83
N SER B 85 -12.50 18.45 -3.08
CA SER B 85 -12.78 18.39 -1.68
C SER B 85 -11.46 18.12 -0.90
N ARG B 86 -10.38 17.81 -1.63
CA ARG B 86 -9.14 17.37 -0.99
C ARG B 86 -8.42 18.52 -0.31
N PHE B 87 -7.66 18.20 0.75
CA PHE B 87 -6.78 19.17 1.33
C PHE B 87 -5.56 19.34 0.45
N LYS B 88 -5.14 20.57 0.24
CA LYS B 88 -3.96 20.82 -0.58
C LYS B 88 -2.88 21.45 0.26
N LEU B 89 -1.73 20.79 0.32
CA LEU B 89 -0.55 21.36 0.91
C LEU B 89 -0.04 22.47 -0.01
N GLN B 90 0.64 23.47 0.57
CA GLN B 90 1.34 24.48 -0.21
C GLN B 90 2.33 23.79 -1.14
N PRO B 91 2.12 23.93 -2.45
CA PRO B 91 2.87 23.16 -3.42
C PRO B 91 4.24 23.75 -3.70
N VAL B 92 5.10 22.93 -4.28
CA VAL B 92 6.29 23.44 -4.95
C VAL B 92 6.02 23.43 -6.46
N ASP B 93 6.17 24.58 -7.10
CA ASP B 93 5.89 24.68 -8.53
C ASP B 93 6.56 23.58 -9.35
N ASP B 94 5.83 22.99 -10.27
CA ASP B 94 6.40 22.03 -11.20
C ASP B 94 6.87 20.74 -10.52
N ASP B 95 6.57 20.63 -9.23
CA ASP B 95 6.95 19.45 -8.51
C ASP B 95 5.74 18.62 -8.17
N GLU B 96 5.15 17.99 -9.17
CA GLU B 96 3.87 17.28 -9.00
C GLU B 96 3.88 16.40 -7.75
N GLY B 97 2.74 16.38 -7.07
CA GLY B 97 2.63 15.61 -5.84
C GLY B 97 2.96 16.41 -4.59
N SER B 98 3.57 17.58 -4.75
CA SER B 98 4.05 18.31 -3.59
C SER B 98 2.94 18.86 -2.72
N ASP B 99 1.76 19.05 -3.30
CA ASP B 99 0.60 19.53 -2.54
C ASP B 99 -0.23 18.41 -1.91
N TYR B 100 0.18 17.17 -2.09
CA TYR B 100 -0.77 16.07 -1.94
C TYR B 100 -0.77 15.33 -0.62
N ILE B 101 -1.95 15.16 -0.06
CA ILE B 101 -2.15 14.28 1.07
C ILE B 101 -3.52 13.60 0.90
N ASN B 102 -3.65 12.39 1.42
CA ASN B 102 -4.93 11.69 1.36
C ASN B 102 -5.81 12.27 2.44
N ALA B 103 -6.52 13.36 2.10
CA ALA B 103 -7.40 14.06 3.05
C ALA B 103 -8.44 14.94 2.36
N ASN B 104 -9.63 15.01 2.94
CA ASN B 104 -10.74 15.82 2.41
C ASN B 104 -11.40 16.65 3.51
N TYR B 105 -11.88 17.83 3.15
CA TYR B 105 -12.74 18.59 4.03
C TYR B 105 -14.09 17.89 4.08
N VAL B 106 -14.64 17.81 5.29
CA VAL B 106 -15.92 17.16 5.52
C VAL B 106 -16.72 18.08 6.44
N PRO B 107 -18.00 18.34 6.10
CA PRO B 107 -18.81 19.25 6.88
C PRO B 107 -19.06 18.73 8.28
N GLY B 108 -19.31 19.64 9.21
CA GLY B 108 -19.67 19.26 10.55
C GLY B 108 -20.97 19.94 10.84
N HIS B 109 -21.29 20.07 12.13
CA HIS B 109 -22.49 20.78 12.54
C HIS B 109 -22.31 22.28 12.33
N ASN B 110 -21.06 22.72 12.33
CA ASN B 110 -20.77 24.15 12.49
C ASN B 110 -20.11 24.83 11.31
N SER B 111 -19.60 24.04 10.37
CA SER B 111 -18.89 24.59 9.22
C SER B 111 -18.83 23.58 8.07
N PRO B 112 -18.97 24.05 6.82
CA PRO B 112 -18.79 23.14 5.70
C PRO B 112 -17.38 22.55 5.67
N ARG B 113 -16.42 23.24 6.27
CA ARG B 113 -15.07 22.72 6.33
C ARG B 113 -14.61 22.57 7.77
N GLU B 114 -15.52 22.07 8.59
CA GLU B 114 -15.28 21.88 10.00
C GLU B 114 -14.21 20.83 10.28
N PHE B 115 -14.17 19.77 9.47
CA PHE B 115 -13.24 18.68 9.65
C PHE B 115 -12.35 18.48 8.42
N ILE B 116 -11.08 18.15 8.66
CA ILE B 116 -10.20 17.63 7.61
C ILE B 116 -10.08 16.17 7.99
N VAL B 117 -10.60 15.28 7.16
CA VAL B 117 -10.36 13.87 7.45
C VAL B 117 -9.37 13.25 6.46
N THR B 118 -8.55 12.36 7.01
CA THR B 118 -7.39 11.87 6.35
C THR B 118 -7.19 10.46 6.83
N GLN B 119 -6.46 9.66 6.07
CA GLN B 119 -6.06 8.32 6.55
C GLN B 119 -5.08 8.47 7.71
N GLY B 120 -4.86 7.38 8.44
CA GLY B 120 -3.77 7.29 9.42
C GLY B 120 -2.46 7.43 8.67
N PRO B 121 -1.59 8.39 9.07
CA PRO B 121 -0.40 8.65 8.28
C PRO B 121 0.43 7.41 8.10
N LEU B 122 1.04 7.28 6.93
CA LEU B 122 2.07 6.28 6.72
C LEU B 122 3.35 6.94 7.20
N HIS B 123 4.31 6.12 7.65
CA HIS B 123 5.62 6.60 8.03
C HIS B 123 6.21 7.60 7.01
N SER B 124 5.86 7.42 5.75
CA SER B 124 6.44 8.20 4.67
C SER B 124 5.60 9.39 4.36
N THR B 125 4.55 9.62 5.18
CA THR B 125 3.70 10.80 5.00
C THR B 125 3.45 11.57 6.31
N ARG B 126 4.18 11.18 7.35
CA ARG B 126 4.21 11.88 8.63
C ARG B 126 4.46 13.37 8.53
N ASP B 127 5.49 13.72 7.76
CA ASP B 127 5.81 15.12 7.48
C ASP B 127 4.66 15.85 6.82
N ASP B 128 4.04 15.19 5.85
CA ASP B 128 2.90 15.79 5.16
C ASP B 128 1.84 16.06 6.17
N PHE B 129 1.55 15.05 7.00
CA PHE B 129 0.47 15.13 7.99
C PHE B 129 0.68 16.33 8.89
N TRP B 130 1.88 16.49 9.40
CA TRP B 130 2.16 17.60 10.30
C TRP B 130 2.11 18.94 9.60
N ARG B 131 2.48 18.98 8.32
CA ARG B 131 2.46 20.24 7.59
C ARG B 131 1.03 20.63 7.28
N MET B 132 0.15 19.64 7.15
CA MET B 132 -1.28 19.87 6.99
C MET B 132 -1.88 20.47 8.28
N CYS B 133 -1.56 19.87 9.43
CA CYS B 133 -1.99 20.42 10.70
C CYS B 133 -1.56 21.88 10.81
N TRP B 134 -0.32 22.17 10.44
CA TRP B 134 0.18 23.52 10.59
C TRP B 134 -0.42 24.51 9.59
N GLU B 135 -0.44 24.16 8.30
CA GLU B 135 -0.97 25.06 7.28
C GLU B 135 -2.48 25.26 7.41
N SER B 136 -3.17 24.21 7.84
CA SER B 136 -4.59 24.27 8.10
C SER B 136 -4.94 25.10 9.33
N ASN B 137 -3.92 25.54 10.07
CA ASN B 137 -4.11 26.25 11.33
C ASN B 137 -4.87 25.47 12.41
N SER B 138 -4.86 24.14 12.28
CA SER B 138 -5.66 23.26 13.12
C SER B 138 -5.11 23.10 14.55
N ARG B 139 -6.02 23.03 15.51
CA ARG B 139 -5.62 22.88 16.90
C ARG B 139 -6.03 21.56 17.55
N ALA B 140 -6.69 20.67 16.80
CA ALA B 140 -7.08 19.38 17.36
C ALA B 140 -7.00 18.23 16.36
N ILE B 141 -6.62 17.06 16.86
CA ILE B 141 -6.61 15.81 16.11
C ILE B 141 -7.46 14.79 16.86
N VAL B 142 -8.44 14.21 16.17
CA VAL B 142 -9.18 13.07 16.69
C VAL B 142 -8.58 11.80 16.10
N MET B 143 -8.06 10.92 16.94
CA MET B 143 -7.57 9.64 16.43
C MET B 143 -8.46 8.51 16.95
N LEU B 144 -9.02 7.76 16.00
CA LEU B 144 -9.99 6.72 16.32
C LEU B 144 -9.46 5.33 16.02
N THR B 145 -8.15 5.18 16.16
CA THR B 145 -7.51 3.89 15.99
C THR B 145 -6.26 3.77 16.84
N ARG B 146 -5.91 2.55 17.16
CA ARG B 146 -4.58 2.28 17.69
C ARG B 146 -3.64 1.97 16.51
N CYS B 147 -2.34 2.02 16.77
CA CYS B 147 -1.36 1.78 15.73
C CYS B 147 -1.36 0.35 15.19
N PHE B 148 -1.71 -0.60 16.05
CA PHE B 148 -1.77 -2.00 15.64
C PHE B 148 -2.96 -2.62 16.28
N GLU B 149 -3.75 -3.35 15.48
CA GLU B 149 -4.87 -4.09 16.01
C GLU B 149 -4.96 -5.44 15.32
N LYS B 150 -5.01 -6.49 16.14
CA LYS B 150 -4.97 -7.88 15.68
C LYS B 150 -3.97 -8.06 14.55
N GLY B 151 -2.69 -7.86 14.86
CA GLY B 151 -1.61 -8.09 13.89
C GLY B 151 -1.65 -7.30 12.58
N ARG B 152 -2.44 -6.24 12.54
CA ARG B 152 -2.50 -5.40 11.37
C ARG B 152 -2.04 -4.01 11.75
N GLU B 153 -1.05 -3.48 11.02
CA GLU B 153 -0.67 -2.07 11.19
C GLU B 153 -1.82 -1.23 10.66
N LYS B 154 -2.24 -0.24 11.43
CA LYS B 154 -3.41 0.54 11.05
C LYS B 154 -2.99 1.98 10.91
N CYS B 155 -1.90 2.32 11.59
CA CYS B 155 -1.42 3.70 11.65
C CYS B 155 0.02 3.75 12.19
N ASP B 156 0.76 4.77 11.75
CA ASP B 156 2.13 4.95 12.15
C ASP B 156 2.17 5.80 13.41
N GLN B 157 3.15 5.57 14.28
CA GLN B 157 3.40 6.48 15.41
C GLN B 157 3.94 7.81 14.88
N TYR B 158 3.05 8.67 14.42
CA TYR B 158 3.46 9.87 13.73
C TYR B 158 3.80 10.96 14.71
N TRP B 159 3.76 10.64 16.00
CA TRP B 159 3.93 11.63 17.06
C TRP B 159 4.93 11.13 18.12
N PRO B 160 5.60 12.06 18.83
CA PRO B 160 6.68 11.78 19.80
C PRO B 160 6.35 10.75 20.87
N ASN B 161 7.30 9.88 21.17
CA ASN B 161 7.10 8.84 22.14
C ASN B 161 7.47 9.24 23.56
N ASP B 162 7.87 10.50 23.73
CA ASP B 162 8.15 11.05 25.05
C ASP B 162 8.18 12.57 24.94
N THR B 163 8.85 13.23 25.88
CA THR B 163 8.84 14.69 25.95
C THR B 163 9.94 15.34 25.13
N VAL B 164 10.88 14.55 24.62
CA VAL B 164 11.93 15.08 23.74
C VAL B 164 11.28 15.58 22.46
N PRO B 165 11.57 16.82 22.05
CA PRO B 165 10.94 17.31 20.83
C PRO B 165 11.50 16.64 19.60
N VAL B 166 10.72 16.63 18.54
CA VAL B 166 11.03 15.94 17.31
C VAL B 166 10.55 16.82 16.16
N PHE B 167 11.44 17.10 15.22
CA PHE B 167 11.08 17.82 14.01
C PHE B 167 10.55 16.82 13.01
N TYR B 168 9.36 17.07 12.47
CA TYR B 168 8.90 16.43 11.26
C TYR B 168 8.89 17.56 10.25
N GLY B 169 9.69 17.46 9.20
CA GLY B 169 9.90 18.59 8.30
C GLY B 169 10.47 19.79 9.04
N ASP B 170 9.81 20.94 8.92
CA ASP B 170 10.16 22.10 9.74
C ASP B 170 9.15 22.27 10.86
N ILE B 171 8.31 21.26 11.09
CA ILE B 171 7.31 21.34 12.14
C ILE B 171 7.86 20.64 13.36
N LYS B 172 8.23 21.42 14.37
CA LYS B 172 8.75 20.87 15.60
C LYS B 172 7.55 20.51 16.47
N VAL B 173 7.54 19.30 17.02
CA VAL B 173 6.42 18.85 17.81
C VAL B 173 6.90 18.32 19.14
N GLN B 174 6.24 18.71 20.23
CA GLN B 174 6.62 18.18 21.54
C GLN B 174 5.45 17.96 22.47
N ILE B 175 5.56 16.98 23.36
CA ILE B 175 4.52 16.67 24.34
C ILE B 175 4.60 17.63 25.53
N LEU B 176 3.49 18.30 25.85
CA LEU B 176 3.41 19.24 27.00
C LEU B 176 2.72 18.64 28.22
N ASN B 177 1.83 17.70 27.95
CA ASN B 177 1.02 17.08 28.97
C ASN B 177 0.27 15.93 28.32
N ASP B 178 -0.08 14.92 29.11
CA ASP B 178 -0.89 13.83 28.61
C ASP B 178 -1.83 13.28 29.66
N SER B 179 -3.09 13.10 29.27
CA SER B 179 -4.14 12.70 30.20
C SER B 179 -4.78 11.39 29.82
N HIS B 180 -5.02 10.55 30.82
CA HIS B 180 -5.47 9.19 30.60
C HIS B 180 -6.85 8.93 31.13
N TYR B 181 -7.72 8.46 30.25
CA TYR B 181 -9.05 8.09 30.67
C TYR B 181 -9.32 6.62 30.33
N ALA B 182 -10.44 6.08 30.80
CA ALA B 182 -10.85 4.70 30.50
C ALA B 182 -10.81 4.29 29.02
N ASP B 183 -11.28 5.15 28.12
CA ASP B 183 -11.34 4.77 26.71
C ASP B 183 -10.46 5.60 25.79
N TRP B 184 -9.78 6.58 26.36
CA TRP B 184 -9.04 7.54 25.54
C TRP B 184 -7.90 8.20 26.26
N VAL B 185 -7.01 8.79 25.48
CA VAL B 185 -5.86 9.49 26.01
C VAL B 185 -5.78 10.83 25.32
N MET B 186 -5.60 11.90 26.10
CA MET B 186 -5.35 13.20 25.48
C MET B 186 -3.88 13.53 25.56
N THR B 187 -3.32 14.00 24.46
CA THR B 187 -1.95 14.46 24.49
C THR B 187 -1.92 15.90 24.04
N GLU B 188 -1.36 16.77 24.88
CA GLU B 188 -1.28 18.16 24.53
C GLU B 188 0.10 18.42 23.95
N PHE B 189 0.12 18.79 22.67
CA PHE B 189 1.35 19.08 21.93
C PHE B 189 1.64 20.58 21.82
N MET B 190 2.91 20.97 21.92
CA MET B 190 3.28 22.24 21.33
C MET B 190 3.84 22.01 19.93
N LEU B 191 3.36 22.79 18.97
CA LEU B 191 3.87 22.80 17.61
C LEU B 191 4.61 24.11 17.37
N CYS B 192 5.87 24.03 16.96
CA CYS B 192 6.57 25.23 16.51
C CYS B 192 6.98 25.13 15.07
N ARG B 193 6.78 26.22 14.33
CA ARG B 193 7.41 26.39 13.03
C ARG B 193 8.07 27.76 12.97
N GLY B 194 9.40 27.77 12.97
CA GLY B 194 10.12 29.02 13.04
C GLY B 194 9.95 29.50 14.45
N SER B 195 9.37 30.69 14.62
CA SER B 195 9.22 31.24 15.97
C SER B 195 7.76 31.22 16.40
N GLU B 196 6.91 30.65 15.56
CA GLU B 196 5.49 30.62 15.84
C GLU B 196 5.16 29.35 16.64
N GLN B 197 4.42 29.47 17.74
CA GLN B 197 3.99 28.30 18.52
C GLN B 197 2.49 28.16 18.65
N ARG B 198 2.02 26.92 18.60
CA ARG B 198 0.63 26.59 18.81
C ARG B 198 0.49 25.34 19.66
N ILE B 199 -0.46 25.39 20.59
CA ILE B 199 -0.86 24.19 21.31
C ILE B 199 -1.85 23.45 20.42
N LEU B 200 -1.66 22.14 20.29
CA LEU B 200 -2.58 21.30 19.58
C LEU B 200 -2.97 20.19 20.52
N ARG B 201 -4.24 19.82 20.54
CA ARG B 201 -4.70 18.73 21.42
C ARG B 201 -5.14 17.51 20.62
N HIS B 202 -4.60 16.35 21.00
CA HIS B 202 -4.75 15.08 20.26
C HIS B 202 -5.66 14.15 21.07
N PHE B 203 -6.88 13.93 20.60
CA PHE B 203 -7.85 13.07 21.28
C PHE B 203 -7.82 11.67 20.69
N HIS B 204 -7.27 10.71 21.42
CA HIS B 204 -6.99 9.38 20.89
C HIS B 204 -7.88 8.35 21.54
N PHE B 205 -8.87 7.86 20.80
CA PHE B 205 -9.80 6.84 21.29
C PHE B 205 -9.17 5.46 21.14
N THR B 206 -8.89 4.79 22.26
CA THR B 206 -7.97 3.65 22.21
C THR B 206 -8.63 2.28 22.44
N THR B 207 -9.94 2.25 22.26
CA THR B 207 -10.77 1.20 22.82
C THR B 207 -11.60 0.47 21.78
N TRP B 208 -11.76 1.07 20.61
CA TRP B 208 -12.50 0.44 19.50
C TRP B 208 -12.15 -1.06 19.37
N PRO B 209 -13.16 -1.94 19.42
CA PRO B 209 -12.83 -3.36 19.40
C PRO B 209 -12.18 -3.78 18.08
N ASP B 210 -11.59 -4.96 18.09
CA ASP B 210 -10.99 -5.51 16.90
C ASP B 210 -11.98 -5.76 15.83
N PHE B 211 -13.19 -6.09 16.20
CA PHE B 211 -14.20 -6.44 15.26
C PHE B 211 -15.48 -5.79 15.66
N GLY B 212 -16.03 -4.99 14.78
CA GLY B 212 -17.28 -4.31 15.03
C GLY B 212 -17.17 -2.99 15.74
N VAL B 213 -18.24 -2.56 16.34
CA VAL B 213 -18.29 -1.21 16.92
C VAL B 213 -18.31 -1.37 18.44
N PRO B 214 -17.94 -0.32 19.20
CA PRO B 214 -17.93 -0.42 20.65
C PRO B 214 -19.19 -1.11 21.18
N ASN B 215 -19.01 -2.15 22.01
CA ASN B 215 -20.05 -3.15 22.25
C ASN B 215 -20.92 -2.96 23.47
N PRO B 216 -20.58 -1.96 24.31
CA PRO B 216 -21.63 -1.05 24.77
C PRO B 216 -21.30 0.26 24.07
N PRO B 217 -22.29 0.88 23.43
CA PRO B 217 -21.87 2.05 22.66
C PRO B 217 -21.55 3.28 23.52
N GLN B 218 -22.04 3.31 24.75
CA GLN B 218 -21.79 4.45 25.66
C GLN B 218 -20.32 4.90 25.79
N THR B 219 -19.36 4.01 25.47
CA THR B 219 -17.96 4.39 25.53
C THR B 219 -17.60 5.37 24.41
N LEU B 220 -18.25 5.24 23.26
CA LEU B 220 -18.02 6.21 22.20
C LEU B 220 -18.68 7.55 22.52
N VAL B 221 -19.92 7.52 23.03
CA VAL B 221 -20.66 8.73 23.37
C VAL B 221 -19.87 9.51 24.41
N ARG B 222 -19.25 8.78 25.34
CA ARG B 222 -18.45 9.38 26.40
C ARG B 222 -17.28 10.17 25.82
N PHE B 223 -16.61 9.58 24.84
CA PHE B 223 -15.54 10.22 24.14
C PHE B 223 -16.01 11.50 23.42
N VAL B 224 -17.09 11.36 22.66
CA VAL B 224 -17.57 12.48 21.87
C VAL B 224 -17.96 13.68 22.74
N ARG B 225 -18.66 13.41 23.85
CA ARG B 225 -18.96 14.44 24.83
C ARG B 225 -17.69 15.07 25.38
N ALA B 226 -16.69 14.24 25.67
CA ALA B 226 -15.43 14.70 26.26
C ALA B 226 -14.71 15.59 25.26
N PHE B 227 -14.68 15.14 24.02
CA PHE B 227 -14.10 15.91 22.95
C PHE B 227 -14.79 17.25 22.79
N ARG B 228 -16.11 17.23 22.54
CA ARG B 228 -16.85 18.47 22.28
C ARG B 228 -16.79 19.39 23.49
N ASP B 229 -16.50 18.83 24.65
CA ASP B 229 -16.44 19.62 25.86
C ASP B 229 -15.17 20.46 25.83
N ARG B 230 -14.11 19.92 25.23
CA ARG B 230 -12.83 20.61 25.18
C ARG B 230 -12.67 21.51 23.97
N ILE B 231 -13.37 21.20 22.88
CA ILE B 231 -13.29 21.97 21.66
C ILE B 231 -14.50 22.86 21.59
N GLY B 232 -14.33 24.17 21.77
CA GLY B 232 -15.48 25.05 21.63
C GLY B 232 -16.07 24.99 20.22
N ALA B 233 -17.38 25.10 20.11
CA ALA B 233 -18.08 25.03 18.82
C ALA B 233 -17.47 25.92 17.73
N GLU B 234 -16.67 26.91 18.11
CA GLU B 234 -15.99 27.71 17.09
C GLU B 234 -14.79 26.99 16.52
N GLN B 235 -14.18 26.12 17.32
CA GLN B 235 -12.92 25.48 16.93
C GLN B 235 -13.04 24.78 15.61
N ARG B 236 -12.12 25.09 14.69
CA ARG B 236 -11.93 24.34 13.43
C ARG B 236 -10.82 24.94 12.55
N PRO B 237 -10.28 24.15 11.60
CA PRO B 237 -10.66 22.76 11.35
C PRO B 237 -10.08 21.79 12.38
N ILE B 238 -10.70 20.62 12.49
CA ILE B 238 -10.30 19.56 13.38
C ILE B 238 -9.83 18.45 12.45
N VAL B 239 -8.62 17.95 12.66
CA VAL B 239 -8.13 16.80 11.87
C VAL B 239 -8.68 15.54 12.49
N VAL B 240 -9.31 14.70 11.67
CA VAL B 240 -9.86 13.40 12.12
C VAL B 240 -9.31 12.32 11.22
N HIS B 241 -8.92 11.22 11.79
CA HIS B 241 -8.43 10.10 11.03
C HIS B 241 -8.62 8.80 11.76
N CYS B 242 -8.66 7.71 11.05
CA CYS B 242 -8.67 6.38 11.63
C CYS B 242 -7.61 5.58 10.93
N SER B 243 -7.93 4.51 10.24
CA SER B 243 -6.93 3.93 9.40
C SER B 243 -7.07 4.30 7.94
N ALA B 244 -8.23 4.13 7.38
CA ALA B 244 -8.44 4.55 6.01
C ALA B 244 -9.04 5.94 6.07
N GLY B 245 -9.59 6.28 7.23
CA GLY B 245 -10.19 7.61 7.42
C GLY B 245 -11.50 7.71 6.69
N VAL B 246 -12.30 6.70 6.80
CA VAL B 246 -13.61 6.76 6.28
C VAL B 246 -14.66 6.30 7.27
N GLY B 247 -14.59 5.10 7.74
CA GLY B 247 -15.62 4.69 8.67
C GLY B 247 -15.07 4.51 10.04
N ARG B 248 -15.60 5.19 11.00
CA ARG B 248 -14.99 5.26 12.27
C ARG B 248 -14.68 6.70 12.36
N SER B 249 -13.92 7.22 11.41
CA SER B 249 -13.93 8.65 11.24
C SER B 249 -15.32 9.17 10.92
N GLY B 250 -16.01 8.54 9.98
CA GLY B 250 -17.39 8.91 9.65
C GLY B 250 -18.32 8.78 10.84
N THR B 251 -18.27 7.61 11.49
CA THR B 251 -19.12 7.36 12.63
C THR B 251 -18.98 8.49 13.67
N PHE B 252 -17.75 8.76 14.10
CA PHE B 252 -17.45 9.80 15.06
C PHE B 252 -18.06 11.14 14.65
N ILE B 253 -17.78 11.62 13.44
CA ILE B 253 -18.29 12.93 13.00
C ILE B 253 -19.83 13.01 13.05
N THR B 254 -20.50 11.96 12.58
CA THR B 254 -21.97 11.91 12.56
C THR B 254 -22.54 11.93 14.00
N LEU B 255 -21.97 11.10 14.86
CA LEU B 255 -22.34 11.11 16.25
C LEU B 255 -22.16 12.50 16.87
N ASP B 256 -20.96 13.06 16.73
CA ASP B 256 -20.65 14.38 17.27
C ASP B 256 -21.55 15.46 16.66
N ARG B 257 -21.99 15.25 15.43
CA ARG B 257 -22.85 16.21 14.77
C ARG B 257 -24.24 16.20 15.36
N ILE B 258 -24.85 15.02 15.45
CA ILE B 258 -26.24 14.90 15.93
C ILE B 258 -26.39 15.21 17.41
N LEU B 259 -25.35 14.97 18.21
CA LEU B 259 -25.42 15.28 19.63
C LEU B 259 -25.47 16.77 19.84
N GLN B 260 -24.77 17.53 19.02
CA GLN B 260 -24.87 18.97 19.08
C GLN B 260 -26.25 19.39 18.65
N GLN B 261 -26.69 18.85 17.54
CA GLN B 261 -27.97 19.17 16.98
C GLN B 261 -29.15 18.95 17.92
N ILE B 262 -29.15 17.85 18.69
CA ILE B 262 -30.35 17.52 19.47
C ILE B 262 -30.66 18.47 20.58
N ASN B 263 -29.74 19.37 20.92
CA ASN B 263 -30.11 20.40 21.90
C ASN B 263 -30.44 21.75 21.29
N THR B 264 -30.64 21.74 19.98
CA THR B 264 -31.00 22.95 19.26
C THR B 264 -32.13 22.75 18.23
N SER B 265 -32.33 21.51 17.80
CA SER B 265 -33.40 21.18 16.87
C SER B 265 -34.32 20.13 17.44
N ASP B 266 -35.42 19.87 16.72
CA ASP B 266 -36.39 18.87 17.12
C ASP B 266 -36.30 17.60 16.27
N TYR B 267 -35.23 17.49 15.48
CA TYR B 267 -35.03 16.34 14.61
C TYR B 267 -33.56 16.02 14.36
N VAL B 268 -33.34 14.85 13.78
CA VAL B 268 -32.01 14.42 13.45
C VAL B 268 -32.09 13.67 12.12
N ASP B 269 -31.11 13.89 11.25
CA ASP B 269 -31.12 13.35 9.89
C ASP B 269 -29.80 12.66 9.63
N ILE B 270 -29.57 11.56 10.36
CA ILE B 270 -28.39 10.72 10.22
C ILE B 270 -28.14 10.32 8.75
N PHE B 271 -29.17 9.79 8.08
CA PHE B 271 -29.06 9.42 6.66
C PHE B 271 -28.54 10.58 5.81
N GLY B 272 -29.09 11.77 6.03
CA GLY B 272 -28.76 12.93 5.23
C GLY B 272 -27.36 13.40 5.50
N ILE B 273 -26.96 13.32 6.77
CA ILE B 273 -25.58 13.61 7.16
C ILE B 273 -24.61 12.65 6.42
N VAL B 274 -24.84 11.33 6.53
CA VAL B 274 -24.00 10.33 5.84
C VAL B 274 -24.00 10.54 4.31
N TYR B 275 -25.17 10.78 3.74
CA TYR B 275 -25.25 11.18 2.34
C TYR B 275 -24.33 12.36 2.02
N ALA B 276 -24.43 13.44 2.81
CA ALA B 276 -23.65 14.65 2.57
C ALA B 276 -22.15 14.41 2.71
N MET B 277 -21.77 13.54 3.63
CA MET B 277 -20.36 13.25 3.90
C MET B 277 -19.76 12.45 2.74
N ARG B 278 -20.58 11.53 2.21
CA ARG B 278 -20.18 10.64 1.11
C ARG B 278 -19.83 11.42 -0.15
N LYS B 279 -20.32 12.66 -0.23
CA LYS B 279 -20.08 13.53 -1.38
C LYS B 279 -18.77 14.27 -1.25
N GLU B 280 -18.17 14.22 -0.06
CA GLU B 280 -16.96 14.97 0.22
C GLU B 280 -15.77 14.06 0.34
N ARG B 281 -16.05 12.82 0.73
CA ARG B 281 -15.01 11.82 0.79
C ARG B 281 -15.65 10.43 0.70
N VAL B 282 -15.02 9.54 -0.05
CA VAL B 282 -15.53 8.18 -0.28
C VAL B 282 -15.81 7.43 1.01
N TRP B 283 -16.80 6.53 0.99
CA TRP B 283 -17.06 5.58 2.08
C TRP B 283 -17.19 6.12 3.51
N MET B 284 -17.60 7.38 3.67
CA MET B 284 -17.58 8.04 4.97
C MET B 284 -18.19 7.29 6.17
N VAL B 285 -19.39 6.74 6.09
CA VAL B 285 -19.69 5.76 7.14
C VAL B 285 -19.57 4.41 6.44
N GLN B 286 -18.54 3.65 6.75
CA GLN B 286 -18.17 2.53 5.91
C GLN B 286 -19.08 1.30 5.94
N THR B 287 -19.55 0.90 7.13
CA THR B 287 -20.25 -0.38 7.30
C THR B 287 -21.67 -0.25 7.87
N GLU B 288 -22.51 -1.25 7.62
CA GLU B 288 -23.90 -1.26 8.11
C GLU B 288 -23.93 -1.14 9.65
N GLN B 289 -23.00 -1.84 10.28
CA GLN B 289 -22.94 -1.91 11.72
C GLN B 289 -22.59 -0.55 12.30
N GLN B 290 -21.75 0.22 11.60
CA GLN B 290 -21.38 1.58 12.05
C GLN B 290 -22.57 2.52 11.89
N TYR B 291 -23.32 2.30 10.82
CA TYR B 291 -24.52 3.06 10.53
C TYR B 291 -25.58 2.88 11.61
N ILE B 292 -25.74 1.63 12.04
CA ILE B 292 -26.66 1.29 13.10
C ILE B 292 -26.14 1.84 14.43
N CYS B 293 -24.82 1.82 14.57
CA CYS B 293 -24.16 2.22 15.81
C CYS B 293 -24.45 3.68 16.15
N ILE B 294 -24.36 4.57 15.15
CA ILE B 294 -24.68 5.99 15.31
C ILE B 294 -26.08 6.15 15.88
N HIS B 295 -27.02 5.40 15.30
CA HIS B 295 -28.41 5.42 15.73
C HIS B 295 -28.49 4.92 17.16
N GLN B 296 -27.86 3.79 17.43
CA GLN B 296 -27.87 3.21 18.74
C GLN B 296 -27.33 4.20 19.77
N CYS B 297 -26.15 4.74 19.53
CA CYS B 297 -25.57 5.79 20.38
C CYS B 297 -26.55 6.90 20.75
N LEU B 298 -27.20 7.50 19.75
CA LEU B 298 -28.15 8.58 19.99
C LEU B 298 -29.28 8.10 20.88
N LEU B 299 -29.82 6.92 20.58
CA LEU B 299 -30.92 6.39 21.37
C LEU B 299 -30.51 6.28 22.84
N ALA B 300 -29.27 5.88 23.09
CA ALA B 300 -28.77 5.80 24.47
C ALA B 300 -28.90 7.16 25.13
N VAL B 301 -28.51 8.20 24.38
CA VAL B 301 -28.53 9.59 24.83
C VAL B 301 -29.95 10.04 25.17
N LEU B 302 -30.89 9.76 24.27
CA LEU B 302 -32.29 10.10 24.53
C LEU B 302 -32.90 9.38 25.74
N GLU B 303 -32.05 8.62 26.46
CA GLU B 303 -32.43 7.94 27.70
C GLU B 303 -31.29 8.12 28.74
N GLY B 304 -30.46 7.09 28.93
CA GLY B 304 -29.19 7.16 29.65
C GLY B 304 -28.48 5.89 29.22
N LYS B 305 -27.17 5.86 28.96
CA LYS B 305 -26.21 7.00 28.88
C LYS B 305 -24.89 6.67 29.61
N PTR C 6 -12.89 0.25 -0.65
CA PTR C 6 -12.53 -0.51 0.57
C PTR C 6 -13.72 -0.26 1.49
O PTR C 6 -14.81 -0.85 1.29
CB PTR C 6 -11.15 -0.13 1.19
CG PTR C 6 -11.11 -0.23 2.69
CD1 PTR C 6 -10.94 0.88 3.48
CD2 PTR C 6 -11.26 -1.46 3.33
CE1 PTR C 6 -10.92 0.79 4.87
CE2 PTR C 6 -11.25 -1.56 4.71
CZ PTR C 6 -11.08 -0.44 5.49
OH PTR C 6 -11.09 -0.57 6.73
P PTR C 6 -10.05 0.25 7.71
O1P PTR C 6 -8.70 0.15 7.05
O2P PTR C 6 -10.00 -0.41 9.14
O3P PTR C 6 -10.52 1.74 7.82
C1 1BO D . 3.91 -1.59 -21.19
C2 1BO D . 3.18 -0.82 -22.32
C3 1BO D . 3.05 0.70 -22.03
C4 1BO D . 3.98 1.51 -22.98
OH 1BO D . 4.84 2.44 -22.25
C1 BU1 E . 19.15 -12.02 -38.27
C2 BU1 E . 19.49 -10.52 -38.38
C3 BU1 E . 20.75 -10.25 -39.23
C4 BU1 E . 22.00 -11.03 -38.75
O5 BU1 E . 17.80 -12.26 -38.73
O6 BU1 E . 22.35 -10.75 -37.35
#